data_9S5G
#
_entry.id   9S5G
#
_entity_poly.entity_id   1
_entity_poly.type   'polypeptide(L)'
_entity_poly.pdbx_seq_one_letter_code
;FLPLWLWLWRKLK
;
_entity_poly.pdbx_strand_id   A
#
# COMPACT_ATOMS: atom_id res chain seq x y z
N PHE A 1 -11.35 -1.40 3.79
CA PHE A 1 -11.27 -2.70 4.46
C PHE A 1 -10.18 -3.57 3.84
N LEU A 2 -10.18 -3.64 2.51
CA LEU A 2 -9.19 -4.44 1.79
C LEU A 2 -7.78 -4.05 2.21
N PRO A 3 -6.82 -4.95 1.96
CA PRO A 3 -5.41 -4.72 2.30
C PRO A 3 -4.77 -3.67 1.40
N LEU A 4 -3.79 -2.95 1.94
CA LEU A 4 -3.09 -1.92 1.20
C LEU A 4 -1.60 -2.24 1.07
N TRP A 5 -1.26 -3.50 1.26
CA TRP A 5 0.13 -3.94 1.17
C TRP A 5 0.76 -3.47 -0.13
N LEU A 6 0.01 -3.56 -1.22
CA LEU A 6 0.50 -3.14 -2.52
C LEU A 6 0.68 -1.62 -2.58
N TRP A 7 -0.38 -0.90 -2.26
CA TRP A 7 -0.34 0.56 -2.26
C TRP A 7 0.85 1.07 -1.44
N LEU A 8 1.23 0.30 -0.43
CA LEU A 8 2.35 0.68 0.43
C LEU A 8 3.67 0.68 -0.35
N TRP A 9 3.96 -0.46 -0.98
CA TRP A 9 5.19 -0.61 -1.76
C TRP A 9 5.34 0.55 -2.74
N ARG A 10 4.21 1.08 -3.21
CA ARG A 10 4.22 2.18 -4.17
C ARG A 10 3.71 3.47 -3.51
N LYS A 11 4.15 3.72 -2.28
CA LYS A 11 3.74 4.91 -1.55
C LYS A 11 4.46 5.01 -0.22
N LEU A 12 5.76 4.78 -0.24
CA LEU A 12 6.58 4.84 0.97
C LEU A 12 7.28 6.19 1.08
N LYS A 13 7.44 6.67 2.32
CA LYS A 13 8.10 7.95 2.55
C LYS A 13 9.08 7.84 3.71
N PHE A 1 -12.48 -3.85 2.54
CA PHE A 1 -12.32 -5.19 3.08
C PHE A 1 -10.97 -5.79 2.70
N LEU A 2 -10.77 -5.97 1.39
CA LEU A 2 -9.52 -6.53 0.90
C LEU A 2 -8.32 -5.77 1.45
N PRO A 3 -7.14 -6.40 1.40
CA PRO A 3 -5.90 -5.81 1.89
C PRO A 3 -5.42 -4.66 1.00
N LEU A 4 -4.28 -4.07 1.36
CA LEU A 4 -3.72 -2.96 0.59
C LEU A 4 -2.19 -2.99 0.64
N TRP A 5 -1.64 -4.17 0.89
CA TRP A 5 -0.18 -4.32 0.96
C TRP A 5 0.48 -3.73 -0.27
N LEU A 6 -0.11 -3.95 -1.43
CA LEU A 6 0.42 -3.43 -2.69
C LEU A 6 0.33 -1.92 -2.73
N TRP A 7 -0.87 -1.39 -2.52
CA TRP A 7 -1.10 0.04 -2.54
C TRP A 7 -0.13 0.76 -1.61
N LEU A 8 0.29 0.07 -0.56
CA LEU A 8 1.23 0.64 0.40
C LEU A 8 2.60 0.87 -0.23
N TRP A 9 3.16 -0.18 -0.81
CA TRP A 9 4.47 -0.10 -1.45
C TRP A 9 4.51 1.07 -2.44
N ARG A 10 5.71 1.50 -2.78
CA ARG A 10 5.89 2.61 -3.72
C ARG A 10 5.08 3.82 -3.28
N LYS A 11 5.23 4.21 -2.02
CA LYS A 11 4.52 5.35 -1.47
C LYS A 11 5.06 5.73 -0.10
N LEU A 12 6.37 5.92 -0.02
CA LEU A 12 7.02 6.30 1.23
C LEU A 12 8.13 7.31 1.00
N LYS A 13 8.52 8.01 2.06
CA LYS A 13 9.58 9.01 1.96
C LYS A 13 10.94 8.39 2.23
N PHE A 1 -12.57 -2.86 1.67
CA PHE A 1 -12.30 -4.27 1.90
C PHE A 1 -11.00 -4.69 1.20
N LEU A 2 -10.61 -5.94 1.40
CA LEU A 2 -9.38 -6.47 0.80
C LEU A 2 -8.16 -5.74 1.35
N PRO A 3 -7.01 -6.43 1.31
CA PRO A 3 -5.74 -5.88 1.81
C PRO A 3 -5.21 -4.76 0.91
N LEU A 4 -4.30 -3.95 1.44
CA LEU A 4 -3.72 -2.85 0.69
C LEU A 4 -2.19 -2.92 0.73
N TRP A 5 -1.67 -4.12 0.95
CA TRP A 5 -0.22 -4.30 1.00
C TRP A 5 0.46 -3.69 -0.21
N LEU A 6 -0.09 -3.95 -1.39
CA LEU A 6 0.47 -3.43 -2.63
C LEU A 6 0.31 -1.92 -2.69
N TRP A 7 -0.90 -1.43 -2.49
CA TRP A 7 -1.18 0.00 -2.52
C TRP A 7 -0.22 0.76 -1.60
N LEU A 8 0.22 0.10 -0.54
CA LEU A 8 1.15 0.71 0.41
C LEU A 8 2.51 0.94 -0.23
N TRP A 9 3.10 -0.13 -0.75
CA TRP A 9 4.42 -0.06 -1.38
C TRP A 9 4.44 1.06 -2.42
N ARG A 10 5.65 1.51 -2.77
CA ARG A 10 5.81 2.57 -3.74
C ARG A 10 5.03 3.81 -3.34
N LYS A 11 5.21 4.23 -2.08
CA LYS A 11 4.52 5.41 -1.56
C LYS A 11 5.07 5.79 -0.19
N LEU A 12 6.38 5.72 -0.04
CA LEU A 12 7.02 6.06 1.22
C LEU A 12 7.71 7.42 1.14
N LYS A 13 7.98 8.02 2.29
CA LYS A 13 8.64 9.32 2.34
C LYS A 13 10.14 9.17 2.09
N PHE A 1 -13.11 -4.76 1.39
CA PHE A 1 -12.10 -4.09 2.21
C PHE A 1 -10.74 -4.75 2.04
N LEU A 2 -10.39 -5.07 0.80
CA LEU A 2 -9.12 -5.71 0.49
C LEU A 2 -7.96 -4.94 1.12
N PRO A 3 -6.81 -5.61 1.27
CA PRO A 3 -5.61 -5.00 1.84
C PRO A 3 -4.99 -3.95 0.93
N LEU A 4 -3.86 -3.38 1.35
CA LEU A 4 -3.17 -2.37 0.56
C LEU A 4 -1.67 -2.56 0.65
N TRP A 5 -1.24 -3.78 0.93
CA TRP A 5 0.19 -4.10 1.04
C TRP A 5 0.95 -3.59 -0.18
N LEU A 6 0.36 -3.79 -1.36
CA LEU A 6 0.98 -3.36 -2.61
C LEU A 6 1.03 -1.83 -2.69
N TRP A 7 -0.12 -1.20 -2.52
CA TRP A 7 -0.21 0.26 -2.58
C TRP A 7 0.80 0.90 -1.64
N LEU A 8 1.12 0.20 -0.56
CA LEU A 8 2.08 0.70 0.42
C LEU A 8 3.48 0.78 -0.18
N TRP A 9 3.95 -0.34 -0.72
CA TRP A 9 5.29 -0.39 -1.33
C TRP A 9 5.46 0.74 -2.35
N ARG A 10 4.36 1.14 -2.96
CA ARG A 10 4.40 2.21 -3.96
C ARG A 10 3.70 3.47 -3.44
N LYS A 11 3.96 3.80 -2.18
CA LYS A 11 3.36 4.97 -1.55
C LYS A 11 3.90 5.18 -0.15
N LEU A 12 5.21 5.07 0.00
CA LEU A 12 5.85 5.25 1.30
C LEU A 12 6.77 6.47 1.30
N LYS A 13 6.71 7.25 2.37
CA LYS A 13 7.54 8.45 2.49
C LYS A 13 7.18 9.46 1.41
N PHE A 1 -12.17 -2.99 1.18
CA PHE A 1 -12.10 -4.22 1.97
C PHE A 1 -10.71 -4.85 1.89
N LEU A 2 -10.30 -5.19 0.68
CA LEU A 2 -8.99 -5.80 0.46
C LEU A 2 -7.89 -4.96 1.11
N PRO A 3 -6.73 -5.59 1.34
CA PRO A 3 -5.57 -4.94 1.95
C PRO A 3 -4.94 -3.90 1.03
N LEU A 4 -3.88 -3.26 1.52
CA LEU A 4 -3.18 -2.24 0.73
C LEU A 4 -1.68 -2.46 0.77
N TRP A 5 -1.28 -3.71 1.03
CA TRP A 5 0.14 -4.06 1.09
C TRP A 5 0.88 -3.56 -0.15
N LEU A 6 0.26 -3.73 -1.32
CA LEU A 6 0.86 -3.30 -2.57
C LEU A 6 0.93 -1.78 -2.65
N TRP A 7 -0.21 -1.13 -2.44
CA TRP A 7 -0.28 0.32 -2.48
C TRP A 7 0.77 0.95 -1.57
N LEU A 8 1.12 0.23 -0.50
CA LEU A 8 2.11 0.71 0.44
C LEU A 8 3.50 0.78 -0.20
N TRP A 9 3.93 -0.34 -0.75
CA TRP A 9 5.24 -0.42 -1.40
C TRP A 9 5.41 0.70 -2.42
N ARG A 10 4.29 1.13 -3.01
CA ARG A 10 4.32 2.19 -4.00
C ARG A 10 3.67 3.46 -3.45
N LYS A 11 3.97 3.78 -2.20
CA LYS A 11 3.41 4.97 -1.56
C LYS A 11 4.00 5.16 -0.17
N LEU A 12 5.31 4.97 -0.05
CA LEU A 12 5.99 5.13 1.22
C LEU A 12 6.34 6.59 1.49
N LYS A 13 6.83 6.87 2.69
CA LYS A 13 7.21 8.23 3.06
C LYS A 13 8.72 8.39 3.08
N PHE A 1 -12.03 -3.28 5.61
CA PHE A 1 -11.27 -2.54 4.60
C PHE A 1 -10.28 -3.44 3.89
N LEU A 2 -10.37 -3.51 2.56
CA LEU A 2 -9.48 -4.34 1.76
C LEU A 2 -8.02 -4.04 2.10
N PRO A 3 -7.14 -4.98 1.76
CA PRO A 3 -5.70 -4.84 2.01
C PRO A 3 -5.06 -3.78 1.13
N LEU A 4 -3.90 -3.29 1.55
CA LEU A 4 -3.18 -2.27 0.80
C LEU A 4 -1.68 -2.57 0.76
N TRP A 5 -1.33 -3.84 0.93
CA TRP A 5 0.06 -4.27 0.91
C TRP A 5 0.77 -3.72 -0.33
N LEU A 6 0.11 -3.80 -1.47
CA LEU A 6 0.67 -3.33 -2.73
C LEU A 6 0.80 -1.81 -2.73
N TRP A 7 -0.30 -1.13 -2.43
CA TRP A 7 -0.31 0.33 -2.40
C TRP A 7 0.80 0.86 -1.51
N LEU A 8 1.17 0.08 -0.50
CA LEU A 8 2.23 0.47 0.43
C LEU A 8 3.57 0.51 -0.27
N TRP A 9 3.94 -0.60 -0.90
CA TRP A 9 5.21 -0.69 -1.61
C TRP A 9 5.38 0.48 -2.58
N ARG A 10 4.27 0.98 -3.10
CA ARG A 10 4.29 2.10 -4.03
C ARG A 10 3.73 3.36 -3.38
N LYS A 11 4.11 3.59 -2.13
CA LYS A 11 3.64 4.77 -1.40
C LYS A 11 4.28 4.84 -0.02
N LEU A 12 5.46 5.45 0.05
CA LEU A 12 6.18 5.60 1.30
C LEU A 12 6.57 7.05 1.56
N LYS A 13 6.76 7.39 2.82
CA LYS A 13 7.13 8.76 3.19
C LYS A 13 8.28 8.75 4.21
N PHE A 1 -12.10 -2.94 1.27
CA PHE A 1 -12.07 -4.25 1.91
C PHE A 1 -10.68 -4.89 1.80
N LEU A 2 -10.27 -5.16 0.56
CA LEU A 2 -8.96 -5.77 0.32
C LEU A 2 -7.87 -4.97 1.01
N PRO A 3 -6.71 -5.62 1.21
CA PRO A 3 -5.55 -4.99 1.86
C PRO A 3 -4.91 -3.91 1.00
N LEU A 4 -3.89 -3.25 1.53
CA LEU A 4 -3.20 -2.20 0.81
C LEU A 4 -1.69 -2.43 0.82
N TRP A 5 -1.29 -3.68 1.08
CA TRP A 5 0.12 -4.04 1.12
C TRP A 5 0.83 -3.56 -0.13
N LEU A 6 0.18 -3.72 -1.28
CA LEU A 6 0.75 -3.30 -2.56
C LEU A 6 0.86 -1.79 -2.64
N TRP A 7 -0.25 -1.10 -2.43
CA TRP A 7 -0.28 0.36 -2.47
C TRP A 7 0.80 0.95 -1.57
N LEU A 8 1.14 0.22 -0.51
CA LEU A 8 2.15 0.68 0.43
C LEU A 8 3.53 0.72 -0.23
N TRP A 9 3.93 -0.41 -0.80
CA TRP A 9 5.23 -0.50 -1.47
C TRP A 9 5.41 0.63 -2.48
N ARG A 10 4.30 1.10 -3.05
CA ARG A 10 4.33 2.18 -4.02
C ARG A 10 3.69 3.44 -3.45
N LYS A 11 4.01 3.74 -2.19
CA LYS A 11 3.48 4.93 -1.53
C LYS A 11 4.07 5.09 -0.14
N LEU A 12 5.40 5.03 -0.07
CA LEU A 12 6.10 5.18 1.21
C LEU A 12 6.47 6.63 1.47
N LYS A 13 6.75 6.97 2.72
CA LYS A 13 7.11 8.32 3.10
C LYS A 13 8.43 8.73 2.45
N PHE A 1 -11.95 -3.08 5.52
CA PHE A 1 -10.88 -2.36 4.85
C PHE A 1 -9.96 -3.31 4.09
N LEU A 2 -10.14 -3.38 2.77
CA LEU A 2 -9.34 -4.26 1.94
C LEU A 2 -7.85 -4.04 2.19
N PRO A 3 -7.03 -5.02 1.80
CA PRO A 3 -5.58 -4.95 1.97
C PRO A 3 -4.94 -3.92 1.04
N LEU A 4 -3.91 -3.24 1.54
CA LEU A 4 -3.20 -2.23 0.76
C LEU A 4 -1.70 -2.48 0.77
N TRP A 5 -1.32 -3.73 1.00
CA TRP A 5 0.10 -4.10 1.05
C TRP A 5 0.82 -3.60 -0.19
N LEU A 6 0.19 -3.75 -1.35
CA LEU A 6 0.78 -3.31 -2.61
C LEU A 6 0.87 -1.78 -2.66
N TRP A 7 -0.25 -1.12 -2.44
CA TRP A 7 -0.30 0.34 -2.46
C TRP A 7 0.77 0.93 -1.56
N LEU A 8 1.12 0.19 -0.51
CA LEU A 8 2.14 0.65 0.43
C LEU A 8 3.51 0.70 -0.22
N TRP A 9 3.92 -0.43 -0.80
CA TRP A 9 5.23 -0.52 -1.47
C TRP A 9 5.39 0.61 -2.47
N ARG A 10 4.29 1.08 -3.04
CA ARG A 10 4.31 2.16 -4.01
C ARG A 10 3.70 3.43 -3.43
N LYS A 11 4.03 3.72 -2.18
CA LYS A 11 3.52 4.91 -1.51
C LYS A 11 4.12 5.04 -0.11
N LEU A 12 5.43 5.20 -0.05
CA LEU A 12 6.14 5.34 1.23
C LEU A 12 7.07 6.55 1.20
N LYS A 13 7.65 6.86 2.35
CA LYS A 13 8.57 7.98 2.47
C LYS A 13 9.94 7.63 1.88
N PHE A 1 -12.02 -2.98 3.77
CA PHE A 1 -12.39 -4.26 3.18
C PHE A 1 -11.14 -5.04 2.77
N LEU A 2 -10.33 -4.42 1.92
CA LEU A 2 -9.10 -5.06 1.45
C LEU A 2 -7.87 -4.34 1.99
N PRO A 3 -6.75 -5.07 2.08
CA PRO A 3 -5.48 -4.53 2.57
C PRO A 3 -4.87 -3.53 1.59
N LEU A 4 -3.78 -2.89 2.02
CA LEU A 4 -3.09 -1.91 1.19
C LEU A 4 -1.61 -2.24 1.07
N TRP A 5 -1.27 -3.51 1.25
CA TRP A 5 0.11 -3.96 1.16
C TRP A 5 0.76 -3.47 -0.13
N LEU A 6 0.02 -3.56 -1.23
CA LEU A 6 0.52 -3.13 -2.53
C LEU A 6 0.68 -1.62 -2.58
N TRP A 7 -0.37 -0.90 -2.24
CA TRP A 7 -0.35 0.56 -2.24
C TRP A 7 0.83 1.08 -1.42
N LEU A 8 1.24 0.31 -0.42
CA LEU A 8 2.36 0.69 0.44
C LEU A 8 3.66 0.67 -0.34
N TRP A 9 3.96 -0.46 -0.96
CA TRP A 9 5.18 -0.60 -1.75
C TRP A 9 5.33 0.54 -2.74
N ARG A 10 4.20 1.07 -3.20
CA ARG A 10 4.21 2.18 -4.16
C ARG A 10 3.70 3.46 -3.52
N LYS A 11 4.15 3.71 -2.29
CA LYS A 11 3.74 4.91 -1.56
C LYS A 11 4.47 5.02 -0.23
N LEU A 12 5.67 5.60 -0.27
CA LEU A 12 6.47 5.76 0.94
C LEU A 12 7.21 7.09 0.93
N LYS A 13 6.46 8.19 0.92
CA LYS A 13 7.03 9.52 0.91
C LYS A 13 7.39 9.97 2.32
N PHE A 1 -10.26 0.54 4.50
CA PHE A 1 -10.45 -0.89 4.63
C PHE A 1 -9.65 -1.65 3.57
N LEU A 2 -9.72 -2.97 3.60
CA LEU A 2 -9.01 -3.81 2.65
C LEU A 2 -7.50 -3.65 2.80
N PRO A 3 -6.75 -4.69 2.40
CA PRO A 3 -5.29 -4.69 2.49
C PRO A 3 -4.66 -3.72 1.48
N LEU A 4 -3.80 -2.83 1.98
CA LEU A 4 -3.13 -1.86 1.14
C LEU A 4 -1.63 -2.13 1.06
N TRP A 5 -1.26 -3.39 1.30
CA TRP A 5 0.14 -3.78 1.26
C TRP A 5 0.81 -3.32 -0.03
N LEU A 6 0.08 -3.46 -1.15
CA LEU A 6 0.60 -3.05 -2.45
C LEU A 6 0.75 -1.53 -2.52
N TRP A 7 -0.34 -0.83 -2.24
CA TRP A 7 -0.33 0.64 -2.28
C TRP A 7 0.82 1.19 -1.44
N LEU A 8 1.20 0.45 -0.40
CA LEU A 8 2.29 0.88 0.47
C LEU A 8 3.62 0.87 -0.27
N TRP A 9 3.96 -0.26 -0.86
CA TRP A 9 5.20 -0.39 -1.61
C TRP A 9 5.35 0.73 -2.62
N ARG A 10 4.22 1.23 -3.13
CA ARG A 10 4.23 2.30 -4.10
C ARG A 10 3.67 3.59 -3.50
N LYS A 11 4.07 3.89 -2.27
CA LYS A 11 3.62 5.09 -1.58
C LYS A 11 4.32 5.23 -0.23
N LEU A 12 5.64 5.16 -0.24
CA LEU A 12 6.43 5.30 0.98
C LEU A 12 7.12 6.65 1.05
N LYS A 13 6.41 7.69 0.62
CA LYS A 13 6.95 9.05 0.64
C LYS A 13 8.20 9.14 -0.21
N PHE A 1 -13.58 -4.47 3.56
CA PHE A 1 -12.28 -3.97 4.01
C PHE A 1 -11.15 -4.80 3.41
N LEU A 2 -10.35 -4.17 2.54
CA LEU A 2 -9.23 -4.84 1.90
C LEU A 2 -7.90 -4.22 2.33
N PRO A 3 -6.82 -5.02 2.24
CA PRO A 3 -5.48 -4.57 2.61
C PRO A 3 -4.92 -3.55 1.62
N LEU A 4 -3.75 -3.00 1.94
CA LEU A 4 -3.11 -2.02 1.09
C LEU A 4 -1.60 -2.25 1.02
N TRP A 5 -1.19 -3.48 1.27
CA TRP A 5 0.23 -3.83 1.24
C TRP A 5 0.88 -3.35 -0.05
N LEU A 6 0.17 -3.52 -1.16
CA LEU A 6 0.67 -3.10 -2.46
C LEU A 6 0.79 -1.58 -2.55
N TRP A 7 -0.32 -0.90 -2.28
CA TRP A 7 -0.34 0.56 -2.32
C TRP A 7 0.78 1.15 -1.48
N LEU A 8 1.17 0.43 -0.43
CA LEU A 8 2.24 0.88 0.45
C LEU A 8 3.58 0.91 -0.28
N TRP A 9 3.94 -0.20 -0.89
CA TRP A 9 5.20 -0.30 -1.62
C TRP A 9 5.33 0.82 -2.63
N ARG A 10 4.19 1.30 -3.13
CA ARG A 10 4.17 2.37 -4.11
C ARG A 10 3.69 3.68 -3.47
N LYS A 11 4.14 3.93 -2.25
CA LYS A 11 3.77 5.14 -1.53
C LYS A 11 4.86 5.57 -0.56
N LEU A 12 5.95 6.09 -1.09
CA LEU A 12 7.07 6.54 -0.27
C LEU A 12 7.85 7.66 -0.96
N LYS A 13 8.87 8.16 -0.29
CA LYS A 13 9.69 9.23 -0.83
C LYS A 13 11.18 8.91 -0.69
N PHE A 1 -11.60 -1.48 3.35
CA PHE A 1 -11.51 -2.43 4.44
C PHE A 1 -10.51 -3.53 4.11
N LEU A 2 -10.63 -4.09 2.90
CA LEU A 2 -9.74 -5.16 2.46
C LEU A 2 -8.29 -4.76 2.64
N PRO A 3 -7.40 -5.77 2.66
CA PRO A 3 -5.95 -5.54 2.82
C PRO A 3 -5.33 -4.87 1.60
N LEU A 4 -4.10 -4.40 1.76
CA LEU A 4 -3.38 -3.75 0.66
C LEU A 4 -2.03 -4.41 0.42
N TRP A 5 -1.06 -4.06 1.26
CA TRP A 5 0.29 -4.62 1.15
C TRP A 5 0.81 -4.48 -0.28
N LEU A 6 0.34 -3.47 -0.98
CA LEU A 6 0.76 -3.23 -2.35
C LEU A 6 0.55 -1.76 -2.74
N TRP A 7 -0.65 -1.26 -2.51
CA TRP A 7 -0.97 0.13 -2.83
C TRP A 7 -0.13 1.09 -2.01
N LEU A 8 0.44 0.58 -0.92
CA LEU A 8 1.28 1.40 -0.05
C LEU A 8 2.67 1.56 -0.63
N TRP A 9 3.30 0.45 -1.00
CA TRP A 9 4.64 0.48 -1.58
C TRP A 9 4.72 1.46 -2.73
N ARG A 10 5.93 1.92 -3.03
CA ARG A 10 6.14 2.87 -4.11
C ARG A 10 5.32 4.14 -3.89
N LYS A 11 5.46 4.73 -2.71
CA LYS A 11 4.73 5.95 -2.37
C LYS A 11 5.11 6.45 -0.98
N LEU A 12 6.40 6.32 -0.65
CA LEU A 12 6.90 6.76 0.64
C LEU A 12 8.21 7.54 0.49
N LYS A 13 8.24 8.44 -0.50
CA LYS A 13 9.43 9.25 -0.75
C LYS A 13 10.60 8.37 -1.15
N PHE A 1 -12.54 -2.98 5.45
CA PHE A 1 -11.62 -2.53 4.41
C PHE A 1 -10.59 -3.60 4.09
N LEU A 2 -10.67 -4.17 2.89
CA LEU A 2 -9.74 -5.20 2.47
C LEU A 2 -8.30 -4.75 2.66
N PRO A 3 -7.38 -5.72 2.71
CA PRO A 3 -5.94 -5.45 2.88
C PRO A 3 -5.33 -4.77 1.65
N LEU A 4 -4.09 -4.32 1.79
CA LEU A 4 -3.39 -3.66 0.70
C LEU A 4 -2.06 -4.36 0.41
N TRP A 5 -1.06 -4.07 1.23
CA TRP A 5 0.27 -4.66 1.06
C TRP A 5 0.75 -4.50 -0.37
N LEU A 6 0.29 -3.45 -1.04
CA LEU A 6 0.68 -3.19 -2.42
C LEU A 6 0.52 -1.71 -2.76
N TRP A 7 -0.67 -1.16 -2.48
CA TRP A 7 -0.95 0.24 -2.75
C TRP A 7 -0.05 1.15 -1.92
N LEU A 8 0.54 0.58 -0.86
CA LEU A 8 1.42 1.34 0.01
C LEU A 8 2.81 1.48 -0.60
N TRP A 9 3.38 0.35 -1.03
CA TRP A 9 4.71 0.35 -1.64
C TRP A 9 4.79 1.37 -2.77
N ARG A 10 6.00 1.85 -3.03
CA ARG A 10 6.22 2.83 -4.08
C ARG A 10 5.36 4.08 -3.86
N LYS A 11 5.40 4.60 -2.63
CA LYS A 11 4.63 5.79 -2.27
C LYS A 11 5.06 6.32 -0.91
N LEU A 12 6.37 6.48 -0.72
CA LEU A 12 6.89 6.98 0.54
C LEU A 12 7.96 8.05 0.28
N LYS A 13 8.18 8.90 1.28
CA LYS A 13 9.17 9.97 1.17
C LYS A 13 10.56 9.45 1.50
N PHE A 1 -12.88 -2.96 5.33
CA PHE A 1 -11.69 -2.52 4.61
C PHE A 1 -10.80 -3.69 4.24
N LEU A 2 -10.58 -3.88 2.94
CA LEU A 2 -9.73 -4.97 2.47
C LEU A 2 -8.25 -4.62 2.63
N PRO A 3 -7.40 -5.67 2.63
CA PRO A 3 -5.96 -5.51 2.79
C PRO A 3 -5.32 -4.87 1.56
N LEU A 4 -4.09 -4.38 1.71
CA LEU A 4 -3.37 -3.75 0.62
C LEU A 4 -2.02 -4.42 0.38
N TRP A 5 -1.05 -4.09 1.22
CA TRP A 5 0.29 -4.66 1.12
C TRP A 5 0.81 -4.56 -0.31
N LEU A 6 0.35 -3.53 -1.02
CA LEU A 6 0.78 -3.30 -2.40
C LEU A 6 0.61 -1.84 -2.79
N TRP A 7 -0.59 -1.32 -2.56
CA TRP A 7 -0.89 0.07 -2.90
C TRP A 7 -0.04 1.03 -2.08
N LEU A 8 0.53 0.52 -0.99
CA LEU A 8 1.38 1.32 -0.11
C LEU A 8 2.78 1.46 -0.70
N TRP A 9 3.38 0.34 -1.06
CA TRP A 9 4.72 0.33 -1.64
C TRP A 9 4.81 1.32 -2.80
N ARG A 10 5.91 2.07 -2.84
CA ARG A 10 6.13 3.05 -3.90
C ARG A 10 4.98 4.05 -3.95
N LYS A 11 4.66 4.63 -2.80
CA LYS A 11 3.58 5.61 -2.71
C LYS A 11 3.50 6.20 -1.30
N LEU A 12 4.67 6.50 -0.72
CA LEU A 12 4.72 7.07 0.62
C LEU A 12 5.60 8.33 0.64
N LYS A 13 5.22 9.28 1.47
CA LYS A 13 5.96 10.53 1.59
C LYS A 13 6.16 10.91 3.05
N PHE A 1 -11.22 -1.83 4.24
CA PHE A 1 -11.23 -3.06 5.02
C PHE A 1 -10.35 -4.12 4.39
N LEU A 2 -10.20 -4.05 3.06
CA LEU A 2 -9.38 -5.01 2.34
C LEU A 2 -7.90 -4.65 2.44
N PRO A 3 -7.03 -5.63 2.20
CA PRO A 3 -5.58 -5.45 2.26
C PRO A 3 -5.06 -4.58 1.12
N LEU A 4 -4.21 -3.62 1.45
CA LEU A 4 -3.64 -2.72 0.45
C LEU A 4 -2.12 -2.68 0.56
N TRP A 5 -1.52 -3.84 0.79
CA TRP A 5 -0.07 -3.95 0.91
C TRP A 5 0.63 -3.30 -0.29
N LEU A 6 0.52 -3.94 -1.44
CA LEU A 6 1.13 -3.43 -2.66
C LEU A 6 0.66 -2.01 -2.96
N TRP A 7 -0.66 -1.81 -2.87
CA TRP A 7 -1.24 -0.50 -3.13
C TRP A 7 -0.63 0.56 -2.23
N LEU A 8 -0.06 0.12 -1.11
CA LEU A 8 0.56 1.03 -0.16
C LEU A 8 2.03 1.25 -0.49
N TRP A 9 2.78 0.16 -0.56
CA TRP A 9 4.21 0.22 -0.87
C TRP A 9 4.45 1.06 -2.13
N ARG A 10 5.60 1.72 -2.19
CA ARG A 10 5.95 2.55 -3.34
C ARG A 10 4.94 3.68 -3.52
N LYS A 11 4.71 4.43 -2.45
CA LYS A 11 3.77 5.55 -2.49
C LYS A 11 3.80 6.34 -1.19
N LEU A 12 5.00 6.48 -0.62
CA LEU A 12 5.17 7.23 0.62
C LEU A 12 5.85 8.56 0.38
N LYS A 13 5.66 9.50 1.31
CA LYS A 13 6.25 10.82 1.19
C LYS A 13 6.88 11.26 2.51
#